data_3IP0
#
_entry.id   3IP0
#
_cell.length_a   73.470
_cell.length_b   37.910
_cell.length_c   57.850
_cell.angle_alpha   90.00
_cell.angle_beta   117.18
_cell.angle_gamma   90.00
#
_symmetry.space_group_name_H-M   'C 1 2 1'
#
loop_
_entity.id
_entity.type
_entity.pdbx_description
1 polymer '2-amino-4-hydroxy-6-hydroxymethyldihydropteridine pyrophosphokinase'
2 non-polymer 'MAGNESIUM ION'
3 non-polymer 'DIPHOSPHOMETHYLPHOSPHONIC ACID ADENOSYL ESTER'
4 non-polymer 6-HYDROXYMETHYLPTERIN
5 non-polymer 6-CARBOXYPTERIN
6 non-polymer 'CHLORIDE ION'
7 non-polymer 'ACETATE ION'
8 water water
#
_entity_poly.entity_id   1
_entity_poly.type   'polypeptide(L)'
_entity_poly.pdbx_seq_one_letter_code
;TVAYIAIGSNLASPLEQVNAALKALGDIPESHILTVSSFYRTPPLGPQDQPDYLNAAVALETSLAPEELLNHTQRIELQQ
GRVRKAERWGPRTLDLDIMLFGNEVINTERLTVPHYDMKNRGFMLWPLFEIAPELVFPDGEMLRQILHTRAFDKLNKW
;
_entity_poly.pdbx_strand_id   A
#
# COMPACT_ATOMS: atom_id res chain seq x y z
N THR A 1 -16.16 -3.71 -4.83
CA THR A 1 -15.66 -2.81 -3.77
C THR A 1 -14.33 -2.23 -4.25
N VAL A 2 -14.01 -1.01 -3.85
CA VAL A 2 -12.73 -0.41 -4.19
C VAL A 2 -11.73 -0.68 -3.05
N ALA A 3 -10.67 -1.41 -3.38
CA ALA A 3 -9.55 -1.63 -2.49
C ALA A 3 -8.47 -0.59 -2.83
N TYR A 4 -7.86 -0.02 -1.80
CA TYR A 4 -6.75 0.90 -1.95
C TYR A 4 -5.51 0.19 -1.44
N ILE A 5 -4.53 0.05 -2.33
CA ILE A 5 -3.34 -0.74 -2.09
C ILE A 5 -2.12 0.21 -2.13
N ALA A 6 -1.30 0.13 -1.09
CA ALA A 6 -0.02 0.83 -1.04
C ALA A 6 1.04 -0.06 -1.66
N ILE A 7 1.93 0.58 -2.42
CA ILE A 7 3.06 -0.10 -3.05
C ILE A 7 4.34 0.51 -2.51
N GLY A 8 5.25 -0.33 -2.05
CA GLY A 8 6.58 0.11 -1.68
C GLY A 8 7.62 -0.84 -2.23
N SER A 9 8.79 -0.29 -2.54
CA SER A 9 9.93 -1.09 -2.99
C SER A 9 11.22 -0.33 -2.70
N ASN A 10 12.23 -1.00 -2.17
CA ASN A 10 13.52 -0.33 -2.02
C ASN A 10 14.70 -1.24 -2.37
N LEU A 11 14.46 -2.33 -3.10
CA LEU A 11 15.50 -3.24 -3.57
C LEU A 11 15.24 -3.59 -5.05
N ALA A 12 16.32 -3.93 -5.73
CA ALA A 12 16.25 -4.55 -7.06
C ALA A 12 15.56 -3.66 -8.10
N SER A 13 15.92 -2.39 -8.14
N SER A 13 16.01 -2.41 -8.10
CA SER A 13 15.41 -1.45 -9.13
CA SER A 13 15.55 -1.33 -8.98
C SER A 13 13.94 -1.11 -8.85
C SER A 13 14.09 -1.14 -8.72
N PRO A 14 13.71 -0.30 -7.78
CA PRO A 14 12.32 -0.06 -7.38
C PRO A 14 11.40 0.36 -8.52
N LEU A 15 11.84 1.18 -9.46
CA LEU A 15 10.93 1.59 -10.54
C LEU A 15 10.47 0.38 -11.34
N GLU A 16 11.40 -0.50 -11.68
CA GLU A 16 11.02 -1.71 -12.38
C GLU A 16 10.09 -2.57 -11.53
N GLN A 17 10.36 -2.67 -10.24
CA GLN A 17 9.52 -3.46 -9.36
C GLN A 17 8.11 -2.92 -9.33
N VAL A 18 7.98 -1.61 -9.22
CA VAL A 18 6.67 -1.01 -9.12
C VAL A 18 5.89 -1.14 -10.44
N ASN A 19 6.58 -0.96 -11.58
CA ASN A 19 5.90 -1.13 -12.85
C ASN A 19 5.45 -2.58 -13.03
N ALA A 20 6.27 -3.52 -12.63
CA ALA A 20 5.88 -4.93 -12.71
C ALA A 20 4.69 -5.21 -11.81
N ALA A 21 4.69 -4.60 -10.62
CA ALA A 21 3.60 -4.84 -9.69
C ALA A 21 2.31 -4.28 -10.24
N LEU A 22 2.34 -3.11 -10.87
CA LEU A 22 1.13 -2.53 -11.43
C LEU A 22 0.56 -3.44 -12.53
N LYS A 23 1.42 -3.95 -13.40
CA LYS A 23 0.97 -4.87 -14.43
C LYS A 23 0.29 -6.08 -13.78
N ALA A 24 0.95 -6.65 -12.78
CA ALA A 24 0.44 -7.85 -12.13
C ALA A 24 -0.87 -7.59 -11.36
N LEU A 25 -0.99 -6.42 -10.75
CA LEU A 25 -2.24 -6.07 -10.07
C LEU A 25 -3.40 -6.06 -11.06
N GLY A 26 -3.16 -5.54 -12.25
CA GLY A 26 -4.20 -5.52 -13.28
C GLY A 26 -4.59 -6.91 -13.76
N ASP A 27 -3.72 -7.89 -13.56
CA ASP A 27 -3.95 -9.28 -13.98
C ASP A 27 -4.67 -10.10 -12.90
N ILE A 28 -4.94 -9.51 -11.72
CA ILE A 28 -5.68 -10.25 -10.70
C ILE A 28 -7.10 -10.49 -11.20
N PRO A 29 -7.60 -11.72 -11.03
CA PRO A 29 -8.97 -12.00 -11.49
C PRO A 29 -10.03 -11.18 -10.77
N GLU A 30 -11.13 -10.94 -11.46
CA GLU A 30 -12.33 -10.35 -10.86
C GLU A 30 -12.05 -8.95 -10.32
N SER A 31 -11.10 -8.28 -10.96
CA SER A 31 -10.58 -7.00 -10.44
C SER A 31 -10.08 -6.17 -11.61
N HIS A 32 -10.02 -4.85 -11.40
CA HIS A 32 -9.42 -3.96 -12.37
C HIS A 32 -8.91 -2.72 -11.66
N ILE A 33 -7.80 -2.19 -12.16
CA ILE A 33 -7.28 -0.91 -11.72
C ILE A 33 -8.22 0.22 -12.08
N LEU A 34 -8.44 1.10 -11.13
CA LEU A 34 -9.19 2.32 -11.32
C LEU A 34 -8.31 3.56 -11.45
N THR A 35 -7.29 3.69 -10.59
CA THR A 35 -6.51 4.90 -10.50
C THR A 35 -5.12 4.53 -9.96
N VAL A 36 -4.08 5.18 -10.45
CA VAL A 36 -2.72 5.00 -9.95
C VAL A 36 -2.15 6.38 -9.60
N SER A 37 -1.38 6.43 -8.50
CA SER A 37 -0.71 7.65 -8.10
C SER A 37 0.57 7.89 -8.89
N SER A 38 1.20 9.04 -8.61
CA SER A 38 2.58 9.25 -8.98
C SER A 38 3.51 8.36 -8.14
N PHE A 39 4.78 8.37 -8.51
CA PHE A 39 5.81 7.62 -7.80
C PHE A 39 6.66 8.59 -6.97
N TYR A 40 6.89 8.23 -5.71
CA TYR A 40 7.55 9.09 -4.75
C TYR A 40 8.77 8.40 -4.17
N ARG A 41 9.83 9.18 -3.85
CA ARG A 41 11.05 8.65 -3.24
C ARG A 41 11.03 9.05 -1.77
N THR A 42 11.00 8.07 -0.85
CA THR A 42 10.79 8.37 0.55
C THR A 42 11.90 7.72 1.41
N PRO A 43 12.34 8.41 2.47
CA PRO A 43 13.37 7.80 3.31
CA PRO A 43 13.35 7.83 3.36
C PRO A 43 12.77 6.66 4.15
N PRO A 44 13.56 5.66 4.50
CA PRO A 44 13.02 4.54 5.28
C PRO A 44 12.43 4.99 6.61
N LEU A 45 11.29 4.40 6.95
CA LEU A 45 10.66 4.59 8.26
C LEU A 45 11.52 4.12 9.44
N GLY A 46 12.11 2.94 9.30
CA GLY A 46 12.71 2.23 10.41
C GLY A 46 14.23 2.20 10.35
N PRO A 47 14.85 1.01 10.23
CA PRO A 47 16.31 0.95 10.20
C PRO A 47 16.84 1.82 9.04
N GLN A 48 17.94 2.51 9.28
CA GLN A 48 18.48 3.44 8.30
C GLN A 48 19.57 2.86 7.41
N ASP A 49 19.86 1.57 7.59
CA ASP A 49 20.81 0.86 6.74
C ASP A 49 20.12 0.20 5.55
N GLN A 50 19.32 1.00 4.83
CA GLN A 50 18.63 0.45 3.64
C GLN A 50 18.31 1.62 2.70
N PRO A 51 18.02 1.29 1.44
CA PRO A 51 17.80 2.37 0.47
C PRO A 51 16.48 3.07 0.67
N ASP A 52 16.35 4.22 0.00
CA ASP A 52 15.07 4.91 -0.07
C ASP A 52 14.06 4.06 -0.84
N TYR A 53 12.79 4.26 -0.45
CA TYR A 53 11.69 3.56 -1.06
C TYR A 53 11.08 4.35 -2.21
N LEU A 54 10.58 3.60 -3.20
CA LEU A 54 9.58 4.12 -4.11
C LEU A 54 8.23 3.75 -3.52
N ASN A 55 7.39 4.76 -3.26
CA ASN A 55 6.03 4.55 -2.77
C ASN A 55 5.02 5.08 -3.79
N ALA A 56 3.91 4.34 -3.86
CA ALA A 56 2.78 4.71 -4.72
C ALA A 56 1.52 4.10 -4.10
N ALA A 57 0.37 4.41 -4.69
CA ALA A 57 -0.91 3.84 -4.30
C ALA A 57 -1.73 3.56 -5.55
N VAL A 58 -2.61 2.56 -5.42
CA VAL A 58 -3.52 2.16 -6.48
CA VAL A 58 -3.53 2.19 -6.51
C VAL A 58 -4.92 1.94 -5.89
N ALA A 59 -5.94 2.32 -6.65
CA ALA A 59 -7.30 1.96 -6.39
C ALA A 59 -7.65 0.79 -7.33
N LEU A 60 -8.17 -0.29 -6.75
CA LEU A 60 -8.46 -1.54 -7.46
C LEU A 60 -9.92 -1.92 -7.18
N GLU A 61 -10.77 -1.87 -8.20
CA GLU A 61 -12.13 -2.40 -8.07
C GLU A 61 -12.05 -3.93 -8.05
N THR A 62 -12.71 -4.59 -7.11
CA THR A 62 -12.66 -6.04 -7.00
C THR A 62 -13.94 -6.62 -6.45
N SER A 63 -14.24 -7.84 -6.92
CA SER A 63 -15.25 -8.68 -6.27
CA SER A 63 -15.25 -8.68 -6.35
C SER A 63 -14.64 -9.85 -5.54
N LEU A 64 -13.32 -9.91 -5.40
CA LEU A 64 -12.69 -10.91 -4.54
C LEU A 64 -13.02 -10.62 -3.08
N ALA A 65 -13.02 -11.66 -2.27
CA ALA A 65 -13.02 -11.51 -0.84
C ALA A 65 -11.66 -10.90 -0.42
N PRO A 66 -11.62 -10.15 0.69
CA PRO A 66 -10.35 -9.51 1.10
C PRO A 66 -9.20 -10.50 1.23
N GLU A 67 -9.43 -11.74 1.73
N GLU A 67 -9.44 -11.60 1.93
CA GLU A 67 -8.33 -12.71 1.95
CA GLU A 67 -8.39 -12.57 2.10
C GLU A 67 -7.84 -13.27 0.60
C GLU A 67 -7.90 -13.14 0.76
N GLU A 68 -8.80 -13.31 -0.28
CA GLU A 68 -8.44 -13.78 -1.62
CA GLU A 68 -8.42 -13.78 -1.59
C GLU A 68 -7.63 -12.71 -2.35
N LEU A 69 -7.98 -11.43 -2.17
CA LEU A 69 -7.12 -10.36 -2.68
C LEU A 69 -5.72 -10.46 -2.07
N LEU A 70 -5.67 -10.65 -0.75
CA LEU A 70 -4.38 -10.78 -0.06
C LEU A 70 -3.57 -11.96 -0.61
N ASN A 71 -4.24 -13.09 -0.89
CA ASN A 71 -3.51 -14.19 -1.49
C ASN A 71 -2.84 -13.75 -2.79
N HIS A 72 -3.54 -12.98 -3.61
N HIS A 72 -3.61 -12.95 -3.57
CA HIS A 72 -2.93 -12.53 -4.85
CA HIS A 72 -3.14 -12.44 -4.85
C HIS A 72 -1.83 -11.49 -4.65
C HIS A 72 -2.04 -11.40 -4.74
N THR A 73 -2.06 -10.51 -3.76
CA THR A 73 -1.00 -9.51 -3.58
C THR A 73 0.26 -10.18 -3.04
N GLN A 74 0.10 -11.14 -2.12
CA GLN A 74 1.27 -11.85 -1.61
C GLN A 74 1.95 -12.68 -2.71
N ARG A 75 1.16 -13.24 -3.63
CA ARG A 75 1.73 -13.98 -4.74
C ARG A 75 2.60 -13.07 -5.64
N ILE A 76 2.10 -11.84 -5.88
CA ILE A 76 2.86 -10.87 -6.67
C ILE A 76 4.20 -10.56 -5.97
N GLU A 77 4.13 -10.31 -4.66
CA GLU A 77 5.35 -10.07 -3.90
C GLU A 77 6.37 -11.22 -4.10
N LEU A 78 5.88 -12.46 -3.95
CA LEU A 78 6.75 -13.65 -4.05
CA LEU A 78 6.74 -13.64 -4.07
C LEU A 78 7.31 -13.77 -5.48
N GLN A 79 6.50 -13.50 -6.49
CA GLN A 79 6.99 -13.59 -7.84
CA GLN A 79 7.00 -13.59 -7.85
C GLN A 79 8.01 -12.46 -8.18
N GLN A 80 8.04 -11.43 -7.34
CA GLN A 80 9.01 -10.34 -7.46
C GLN A 80 10.13 -10.45 -6.45
N GLY A 81 10.33 -11.65 -5.95
CA GLY A 81 11.50 -11.91 -5.16
C GLY A 81 11.46 -11.41 -3.75
N ARG A 82 10.26 -11.15 -3.20
CA ARG A 82 10.13 -10.68 -1.82
C ARG A 82 10.65 -11.75 -0.87
N VAL A 83 11.52 -11.32 0.02
CA VAL A 83 12.01 -12.17 1.07
CA VAL A 83 12.02 -12.16 1.09
C VAL A 83 11.88 -11.37 2.37
N ARG A 84 11.22 -11.96 3.36
CA ARG A 84 11.08 -11.35 4.65
C ARG A 84 12.29 -11.64 5.46
N LYS A 85 13.10 -10.60 5.66
CA LYS A 85 14.21 -10.68 6.59
C LYS A 85 13.74 -10.65 8.06
N ALA A 86 14.68 -10.89 8.96
CA ALA A 86 14.33 -11.00 10.37
C ALA A 86 13.86 -9.66 10.97
N GLU A 87 14.56 -8.60 10.63
N GLU A 87 14.54 -8.58 10.59
CA GLU A 87 14.26 -7.30 11.21
CA GLU A 87 14.30 -7.26 11.19
C GLU A 87 12.94 -6.75 10.73
C GLU A 87 13.07 -6.54 10.67
N ARG A 88 12.30 -6.00 11.60
CA ARG A 88 11.08 -5.26 11.26
C ARG A 88 11.45 -4.03 10.43
N TRP A 89 10.67 -3.91 9.34
N TRP A 89 10.57 -3.58 9.54
CA TRP A 89 10.74 -2.75 8.49
CA TRP A 89 10.77 -2.39 8.70
C TRP A 89 12.06 -2.58 7.84
C TRP A 89 12.05 -2.56 7.80
N GLY A 90 12.58 -3.74 7.52
CA GLY A 90 13.76 -3.90 6.66
C GLY A 90 13.39 -3.89 5.19
N PRO A 91 14.41 -3.94 4.35
CA PRO A 91 14.19 -3.68 2.92
C PRO A 91 13.47 -4.83 2.23
N ARG A 92 12.88 -4.48 1.10
N ARG A 92 12.74 -4.50 1.14
CA ARG A 92 12.22 -5.51 0.34
CA ARG A 92 11.87 -5.43 0.37
C ARG A 92 12.08 -5.08 -1.09
C ARG A 92 11.90 -5.08 -1.14
N THR A 93 11.99 -6.08 -2.00
CA THR A 93 11.78 -5.83 -3.41
C THR A 93 10.38 -5.28 -3.68
N LEU A 94 9.37 -5.76 -2.97
CA LEU A 94 8.00 -5.32 -3.19
C LEU A 94 7.20 -5.57 -1.93
N ASP A 95 6.42 -4.56 -1.56
CA ASP A 95 5.45 -4.63 -0.48
C ASP A 95 4.13 -4.08 -0.98
N LEU A 96 3.11 -4.94 -0.96
CA LEU A 96 1.75 -4.57 -1.33
C LEU A 96 0.89 -4.66 -0.08
N ASP A 97 0.45 -3.52 0.44
CA ASP A 97 -0.31 -3.47 1.68
C ASP A 97 -1.72 -3.01 1.36
N ILE A 98 -2.72 -3.72 1.89
CA ILE A 98 -4.10 -3.30 1.69
C ILE A 98 -4.40 -2.20 2.71
N MET A 99 -4.52 -0.96 2.22
CA MET A 99 -4.83 0.14 3.10
C MET A 99 -6.30 0.14 3.54
N LEU A 100 -7.17 0.04 2.55
CA LEU A 100 -8.62 0.07 2.76
C LEU A 100 -9.23 -0.95 1.82
N PHE A 101 -10.32 -1.59 2.28
CA PHE A 101 -11.09 -2.48 1.44
C PHE A 101 -12.52 -1.94 1.48
N GLY A 102 -12.84 -1.06 0.55
CA GLY A 102 -14.03 -0.26 0.66
C GLY A 102 -14.05 0.45 2.03
N ASN A 103 -15.22 0.44 2.64
N ASN A 103 -15.21 0.47 2.66
CA ASN A 103 -15.40 1.01 3.97
CA ASN A 103 -15.39 1.05 3.99
C ASN A 103 -15.34 -0.04 5.07
C ASN A 103 -15.29 0.00 5.09
N GLU A 104 -14.82 -1.22 4.75
CA GLU A 104 -14.78 -2.30 5.70
C GLU A 104 -13.80 -2.08 6.84
N VAL A 105 -14.18 -2.65 7.98
CA VAL A 105 -13.28 -2.86 9.12
C VAL A 105 -13.07 -4.36 9.24
N ILE A 106 -11.83 -4.81 9.16
CA ILE A 106 -11.49 -6.22 9.21
C ILE A 106 -10.45 -6.37 10.32
N ASN A 107 -10.73 -7.29 11.25
CA ASN A 107 -9.81 -7.62 12.31
CA ASN A 107 -9.82 -7.59 12.33
C ASN A 107 -9.71 -9.12 12.44
N THR A 108 -8.70 -9.68 11.79
CA THR A 108 -8.41 -11.09 11.85
C THR A 108 -6.91 -11.25 12.08
N GLU A 109 -6.51 -12.47 12.38
CA GLU A 109 -5.10 -12.74 12.57
CA GLU A 109 -5.09 -12.70 12.59
C GLU A 109 -4.27 -12.37 11.32
N ARG A 110 -4.81 -12.73 10.16
CA ARG A 110 -4.13 -12.49 8.89
C ARG A 110 -4.27 -11.06 8.31
N LEU A 111 -5.31 -10.36 8.72
N LEU A 111 -5.48 -10.45 8.41
CA LEU A 111 -5.61 -9.18 7.95
CA LEU A 111 -5.81 -9.08 7.94
C LEU A 111 -6.26 -8.16 8.88
C LEU A 111 -6.25 -8.10 9.04
N THR A 112 -5.66 -6.94 8.96
CA THR A 112 -6.17 -5.80 9.70
C THR A 112 -6.36 -4.68 8.70
N VAL A 113 -7.61 -4.23 8.55
CA VAL A 113 -7.98 -3.17 7.63
C VAL A 113 -8.95 -2.26 8.39
N PRO A 114 -8.81 -0.93 8.33
CA PRO A 114 -7.70 -0.18 7.69
C PRO A 114 -6.33 -0.64 8.17
N HIS A 115 -5.35 -0.52 7.28
CA HIS A 115 -3.98 -0.85 7.63
C HIS A 115 -3.63 -0.13 8.94
N TYR A 116 -3.01 -0.90 9.82
CA TYR A 116 -2.87 -0.49 11.23
C TYR A 116 -2.09 0.82 11.41
N ASP A 117 -1.16 1.12 10.52
CA ASP A 117 -0.28 2.25 10.72
C ASP A 117 -0.43 3.37 9.69
N MET A 118 -1.35 3.22 8.72
CA MET A 118 -1.35 4.13 7.59
C MET A 118 -1.59 5.58 8.00
N LYS A 119 -2.37 5.82 9.06
CA LYS A 119 -2.68 7.19 9.43
C LYS A 119 -1.48 7.92 10.02
N ASN A 120 -0.39 7.19 10.28
CA ASN A 120 0.86 7.77 10.79
C ASN A 120 1.91 7.97 9.70
N ARG A 121 1.60 7.63 8.46
CA ARG A 121 2.62 7.53 7.41
C ARG A 121 2.28 8.42 6.20
N GLY A 122 3.02 9.52 6.05
CA GLY A 122 2.84 10.35 4.86
C GLY A 122 3.08 9.56 3.57
N PHE A 123 3.98 8.58 3.59
CA PHE A 123 4.27 7.81 2.40
C PHE A 123 3.12 6.91 1.96
N MET A 124 2.20 6.64 2.89
N MET A 124 2.07 6.72 2.77
CA MET A 124 0.94 5.98 2.57
CA MET A 124 0.82 6.06 2.36
C MET A 124 -0.16 6.99 2.23
C MET A 124 -0.25 7.10 2.12
N LEU A 125 -0.36 8.04 3.06
CA LEU A 125 -1.47 8.95 2.92
C LEU A 125 -1.36 9.90 1.74
N TRP A 126 -0.17 10.42 1.43
CA TRP A 126 -0.09 11.38 0.34
C TRP A 126 -0.43 10.72 -1.02
N PRO A 127 0.13 9.53 -1.35
CA PRO A 127 -0.27 8.91 -2.62
C PRO A 127 -1.76 8.56 -2.64
N LEU A 128 -2.30 8.14 -1.49
CA LEU A 128 -3.72 7.86 -1.39
C LEU A 128 -4.56 9.13 -1.68
N PHE A 129 -4.15 10.26 -1.11
CA PHE A 129 -4.88 11.51 -1.29
C PHE A 129 -4.83 11.95 -2.77
N GLU A 130 -3.70 11.66 -3.45
CA GLU A 130 -3.60 11.98 -4.87
C GLU A 130 -4.67 11.28 -5.68
N ILE A 131 -4.99 10.04 -5.33
CA ILE A 131 -5.95 9.26 -6.09
C ILE A 131 -7.37 9.28 -5.55
N ALA A 132 -7.56 9.72 -4.30
CA ALA A 132 -8.86 9.68 -3.64
C ALA A 132 -8.99 10.84 -2.67
N PRO A 133 -9.03 12.06 -3.21
CA PRO A 133 -9.04 13.23 -2.31
C PRO A 133 -10.30 13.31 -1.43
N GLU A 134 -11.40 12.70 -1.83
CA GLU A 134 -12.64 12.76 -1.03
C GLU A 134 -12.78 11.63 -0.03
N LEU A 135 -11.75 10.80 0.12
CA LEU A 135 -11.88 9.60 0.92
CA LEU A 135 -11.87 9.61 0.93
C LEU A 135 -12.24 9.94 2.38
N VAL A 136 -13.16 9.16 2.91
CA VAL A 136 -13.55 9.16 4.31
C VAL A 136 -13.25 7.76 4.84
N PHE A 137 -12.59 7.66 5.97
CA PHE A 137 -12.25 6.41 6.61
C PHE A 137 -13.47 5.76 7.26
N PRO A 138 -13.40 4.47 7.57
CA PRO A 138 -14.51 3.82 8.25
C PRO A 138 -14.91 4.50 9.55
N ASP A 139 -13.97 5.11 10.26
CA ASP A 139 -14.31 5.75 11.53
C ASP A 139 -14.91 7.15 11.37
N GLY A 140 -15.09 7.60 10.13
CA GLY A 140 -15.74 8.85 9.81
C GLY A 140 -14.78 10.00 9.56
N GLU A 141 -13.49 9.82 9.73
CA GLU A 141 -12.48 10.87 9.52
C GLU A 141 -12.22 11.07 8.02
N MET A 142 -12.13 12.30 7.58
CA MET A 142 -11.72 12.63 6.20
CA MET A 142 -11.73 12.62 6.20
C MET A 142 -10.22 12.54 6.05
N LEU A 143 -9.79 11.87 4.97
CA LEU A 143 -8.37 11.80 4.65
C LEU A 143 -7.74 13.21 4.57
N ARG A 144 -8.44 14.12 3.88
CA ARG A 144 -7.98 15.48 3.73
C ARG A 144 -7.69 16.13 5.09
N GLN A 145 -8.59 15.87 6.06
CA GLN A 145 -8.46 16.45 7.39
CA GLN A 145 -8.47 16.46 7.39
C GLN A 145 -7.34 15.81 8.21
N ILE A 146 -7.15 14.49 8.07
CA ILE A 146 -6.02 13.82 8.74
C ILE A 146 -4.66 14.41 8.29
N LEU A 147 -4.53 14.58 6.98
CA LEU A 147 -3.31 15.19 6.44
C LEU A 147 -3.08 16.59 7.01
N HIS A 148 -4.15 17.36 7.15
CA HIS A 148 -4.02 18.69 7.71
CA HIS A 148 -4.03 18.69 7.71
C HIS A 148 -3.62 18.65 9.18
N THR A 149 -4.27 17.78 9.94
CA THR A 149 -3.99 17.71 11.35
C THR A 149 -2.54 17.33 11.60
N ARG A 150 -2.08 16.28 10.91
CA ARG A 150 -0.76 15.74 11.15
C ARG A 150 0.33 16.56 10.49
N ALA A 151 -0.02 17.25 9.41
CA ALA A 151 0.93 18.15 8.73
C ALA A 151 2.23 17.43 8.35
N PHE A 152 2.08 16.21 7.83
CA PHE A 152 3.24 15.43 7.38
C PHE A 152 3.88 16.15 6.21
N ASP A 153 5.20 16.11 6.15
CA ASP A 153 5.94 16.67 5.03
C ASP A 153 5.39 16.14 3.72
N LYS A 154 5.32 17.02 2.73
CA LYS A 154 4.98 16.58 1.36
C LYS A 154 6.14 15.75 0.82
N LEU A 155 5.81 14.87 -0.12
CA LEU A 155 6.76 13.94 -0.67
C LEU A 155 7.44 14.47 -1.93
N ASN A 156 8.61 13.91 -2.21
CA ASN A 156 9.35 14.20 -3.44
C ASN A 156 9.08 13.13 -4.48
N LYS A 157 8.93 13.50 -5.74
CA LYS A 157 8.76 12.52 -6.82
C LYS A 157 10.02 11.69 -6.99
N TRP A 158 9.82 10.43 -7.34
CA TRP A 158 10.90 9.53 -7.68
C TRP A 158 11.66 10.03 -8.90
#